data_5TUJ
#
_entry.id   5TUJ
#
_cell.length_a   71.641
_cell.length_b   71.641
_cell.length_c   124.001
_cell.angle_alpha   90.00
_cell.angle_beta   90.00
_cell.angle_gamma   120.00
#
_symmetry.space_group_name_H-M   'P 32 2 1'
#
_entity_poly.entity_id   1
_entity_poly.type   'polypeptide(L)'
_entity_poly.pdbx_seq_one_letter_code
;AASTLDEIMKRGTLRVGTDADYKPFSFKDKNGQYTGFDIDLAKALAKELGVKVEFVPTTWDGIIPALQTGKFDIVMSGMT
ITPERKKKVDFSDPYMTAGQTILVKKDNADKIKSFEDLNKPDVKVAVQLGTTSEQAAKEFLPKAKIRTFENNAEAFQEVV
SGRADAMVTDSPVAAYYAKKNPGLAVVVVDEPFTHEPLGFAIRKGDPELLNWVNNWLKQMKKDGTYDKLYEKWFK
;
_entity_poly.pdbx_strand_id   C
#
# COMPACT_ATOMS: atom_id res chain seq x y z
N SER A 3 8.46 -20.67 -19.00
CA SER A 3 7.80 -19.62 -18.23
C SER A 3 8.04 -19.79 -16.74
N THR A 4 7.89 -18.70 -15.99
CA THR A 4 8.07 -18.72 -14.55
C THR A 4 6.96 -19.54 -13.89
N LEU A 5 5.79 -19.57 -14.51
CA LEU A 5 4.65 -20.31 -14.00
C LEU A 5 4.96 -21.81 -13.87
N ASP A 6 5.50 -22.38 -14.93
CA ASP A 6 5.90 -23.79 -14.91
C ASP A 6 6.99 -24.04 -13.88
N GLU A 7 7.87 -23.06 -13.71
CA GLU A 7 8.94 -23.15 -12.72
C GLU A 7 8.36 -23.17 -11.31
N ILE A 8 7.28 -22.44 -11.11
CA ILE A 8 6.61 -22.39 -9.81
C ILE A 8 5.87 -23.69 -9.53
N MET A 9 5.10 -24.16 -10.51
CA MET A 9 4.32 -25.38 -10.34
C MET A 9 5.23 -26.61 -10.25
N LYS A 10 6.47 -26.47 -10.73
CA LYS A 10 7.45 -27.55 -10.63
C LYS A 10 8.19 -27.48 -9.29
N ARG A 11 8.55 -26.27 -8.88
CA ARG A 11 9.23 -26.05 -7.61
C ARG A 11 8.28 -26.28 -6.44
N GLY A 12 7.01 -25.90 -6.63
CA GLY A 12 5.98 -26.18 -5.65
C GLY A 12 5.79 -25.08 -4.61
N THR A 13 6.47 -23.96 -4.79
CA THR A 13 6.34 -22.83 -3.87
C THR A 13 6.27 -21.51 -4.62
N LEU A 14 5.44 -20.59 -4.12
CA LEU A 14 5.34 -19.26 -4.69
C LEU A 14 6.20 -18.27 -3.90
N ARG A 15 7.38 -17.96 -4.44
CA ARG A 15 8.28 -17.03 -3.78
C ARG A 15 7.84 -15.60 -4.02
N VAL A 16 7.30 -14.97 -2.97
CA VAL A 16 6.78 -13.61 -3.07
C VAL A 16 7.75 -12.60 -2.47
N GLY A 17 8.19 -11.65 -3.30
CA GLY A 17 9.05 -10.59 -2.83
C GLY A 17 8.25 -9.43 -2.30
N THR A 18 8.63 -8.93 -1.12
CA THR A 18 7.89 -7.86 -0.47
C THR A 18 8.76 -7.05 0.46
N ASP A 19 8.24 -5.90 0.87
CA ASP A 19 8.90 -5.07 1.87
C ASP A 19 8.17 -5.22 3.20
N ALA A 20 8.70 -6.10 4.06
CA ALA A 20 8.03 -6.44 5.31
C ALA A 20 8.02 -5.28 6.32
N ASP A 21 7.71 -4.09 5.82
CA ASP A 21 7.60 -2.89 6.65
C ASP A 21 6.82 -1.84 5.89
N TYR A 22 5.60 -2.17 5.51
CA TYR A 22 4.74 -1.25 4.77
C TYR A 22 3.28 -1.50 5.13
N LYS A 23 2.92 -1.15 6.35
CA LYS A 23 1.56 -1.38 6.87
C LYS A 23 0.54 -0.59 6.06
N PRO A 24 -0.66 -1.16 5.86
CA PRO A 24 -1.09 -2.49 6.33
C PRO A 24 -0.96 -3.57 5.25
N PHE A 25 -0.11 -3.34 4.26
CA PHE A 25 0.00 -4.27 3.15
C PHE A 25 0.86 -5.48 3.50
N SER A 26 2.00 -5.25 4.13
CA SER A 26 2.89 -6.33 4.53
C SER A 26 3.82 -5.92 5.66
N PHE A 27 3.78 -6.67 6.76
CA PHE A 27 4.62 -6.40 7.91
C PHE A 27 4.67 -7.62 8.84
N LYS A 28 5.53 -7.55 9.85
CA LYS A 28 5.66 -8.65 10.80
C LYS A 28 4.65 -8.51 11.95
N ASP A 29 4.39 -9.62 12.63
CA ASP A 29 3.44 -9.63 13.73
C ASP A 29 4.15 -9.69 15.08
N LYS A 30 3.52 -10.34 16.05
CA LYS A 30 4.07 -10.44 17.39
C LYS A 30 5.33 -11.31 17.44
N ASN A 31 5.41 -12.30 16.54
CA ASN A 31 6.55 -13.22 16.55
C ASN A 31 7.00 -13.67 15.16
N GLY A 32 7.58 -12.74 14.40
CA GLY A 32 8.25 -13.09 13.16
C GLY A 32 7.37 -13.34 11.94
N GLN A 33 6.16 -13.85 12.15
CA GLN A 33 5.28 -14.20 11.05
C GLN A 33 4.87 -12.97 10.23
N TYR A 34 4.33 -13.21 9.03
CA TYR A 34 3.92 -12.13 8.15
C TYR A 34 2.42 -11.90 8.23
N THR A 35 2.00 -10.68 7.92
CA THR A 35 0.58 -10.33 7.91
C THR A 35 0.35 -9.04 7.13
N GLY A 36 -0.83 -8.95 6.51
CA GLY A 36 -1.17 -7.78 5.72
C GLY A 36 -2.12 -8.10 4.58
N PHE A 37 -2.55 -7.06 3.87
CA PHE A 37 -3.46 -7.22 2.73
C PHE A 37 -2.76 -8.01 1.61
N ASP A 38 -1.59 -7.53 1.22
CA ASP A 38 -0.80 -8.20 0.17
C ASP A 38 -0.35 -9.58 0.59
N ILE A 39 -0.27 -9.81 1.89
CA ILE A 39 0.13 -11.10 2.43
C ILE A 39 -0.98 -12.13 2.23
N ASP A 40 -2.20 -11.74 2.64
CA ASP A 40 -3.37 -12.58 2.46
C ASP A 40 -3.64 -12.82 0.97
N LEU A 41 -3.43 -11.77 0.17
CA LEU A 41 -3.56 -11.88 -1.27
C LEU A 41 -2.53 -12.86 -1.84
N ALA A 42 -1.32 -12.83 -1.28
CA ALA A 42 -0.26 -13.73 -1.70
C ALA A 42 -0.61 -15.18 -1.36
N LYS A 43 -1.21 -15.38 -0.21
CA LYS A 43 -1.66 -16.70 0.20
C LYS A 43 -2.80 -17.19 -0.69
N ALA A 44 -3.64 -16.25 -1.12
CA ALA A 44 -4.76 -16.56 -2.01
C ALA A 44 -4.26 -16.99 -3.38
N LEU A 45 -3.28 -16.26 -3.91
CA LEU A 45 -2.69 -16.59 -5.20
C LEU A 45 -1.94 -17.90 -5.11
N ALA A 46 -1.27 -18.14 -3.98
CA ALA A 46 -0.55 -19.39 -3.77
C ALA A 46 -1.53 -20.56 -3.65
N LYS A 47 -2.75 -20.26 -3.20
CA LYS A 47 -3.81 -21.26 -3.16
C LYS A 47 -4.35 -21.49 -4.57
N GLU A 48 -4.30 -20.45 -5.39
CA GLU A 48 -4.72 -20.54 -6.78
C GLU A 48 -3.76 -21.41 -7.58
N LEU A 49 -2.47 -21.26 -7.29
CA LEU A 49 -1.43 -22.07 -7.91
C LEU A 49 -1.48 -23.49 -7.35
N GLY A 50 -1.92 -23.61 -6.11
CA GLY A 50 -1.90 -24.89 -5.42
C GLY A 50 -0.53 -25.16 -4.86
N VAL A 51 0.15 -24.11 -4.44
CA VAL A 51 1.51 -24.21 -3.93
C VAL A 51 1.66 -23.56 -2.55
N LYS A 52 2.78 -23.82 -1.89
CA LYS A 52 3.09 -23.20 -0.61
C LYS A 52 3.52 -21.75 -0.82
N VAL A 53 3.67 -21.01 0.28
CA VAL A 53 4.08 -19.62 0.21
C VAL A 53 5.44 -19.40 0.86
N GLU A 54 6.30 -18.64 0.19
CA GLU A 54 7.59 -18.26 0.75
C GLU A 54 7.84 -16.78 0.53
N PHE A 55 7.69 -16.00 1.59
CA PHE A 55 7.91 -14.56 1.50
C PHE A 55 9.39 -14.24 1.58
N VAL A 56 9.90 -13.53 0.58
CA VAL A 56 11.29 -13.12 0.56
C VAL A 56 11.41 -11.63 0.85
N PRO A 57 11.74 -11.28 2.10
CA PRO A 57 11.88 -9.87 2.50
C PRO A 57 13.05 -9.19 1.79
N THR A 58 12.78 -8.05 1.17
CA THR A 58 13.81 -7.33 0.43
C THR A 58 13.64 -5.83 0.62
N THR A 59 14.74 -5.11 0.56
CA THR A 59 14.72 -3.64 0.67
C THR A 59 13.86 -3.03 -0.43
N TRP A 60 13.06 -2.04 -0.07
CA TRP A 60 12.18 -1.35 -1.01
C TRP A 60 12.94 -0.79 -2.19
N ASP A 61 14.17 -0.35 -1.94
CA ASP A 61 14.99 0.26 -2.97
C ASP A 61 15.44 -0.79 -3.99
N GLY A 62 15.81 -1.96 -3.50
CA GLY A 62 16.28 -3.03 -4.37
C GLY A 62 15.33 -4.21 -4.42
N ILE A 63 14.04 -3.94 -4.57
CA ILE A 63 13.03 -4.99 -4.67
C ILE A 63 12.70 -5.29 -6.13
N ILE A 64 12.90 -4.29 -7.00
CA ILE A 64 12.71 -4.47 -8.43
C ILE A 64 13.90 -5.20 -9.08
N PRO A 65 15.15 -4.79 -8.77
CA PRO A 65 16.26 -5.59 -9.32
C PRO A 65 16.24 -7.02 -8.81
N ALA A 66 15.79 -7.20 -7.57
CA ALA A 66 15.68 -8.54 -7.00
C ALA A 66 14.63 -9.36 -7.76
N LEU A 67 13.60 -8.68 -8.24
CA LEU A 67 12.59 -9.33 -9.08
C LEU A 67 13.18 -9.70 -10.42
N GLN A 68 13.98 -8.81 -10.99
CA GLN A 68 14.58 -9.03 -12.30
C GLN A 68 15.71 -10.05 -12.28
N THR A 69 16.30 -10.26 -11.10
CA THR A 69 17.40 -11.22 -10.97
C THR A 69 16.88 -12.60 -10.56
N GLY A 70 15.58 -12.72 -10.37
CA GLY A 70 14.96 -14.00 -10.07
C GLY A 70 15.07 -14.41 -8.61
N LYS A 71 15.19 -13.44 -7.72
CA LYS A 71 15.21 -13.72 -6.29
C LYS A 71 13.83 -14.20 -5.84
N PHE A 72 12.80 -13.73 -6.54
CA PHE A 72 11.43 -14.18 -6.32
C PHE A 72 10.63 -14.03 -7.60
N ASP A 73 9.45 -14.63 -7.63
CA ASP A 73 8.66 -14.73 -8.85
C ASP A 73 7.70 -13.55 -9.03
N ILE A 74 7.39 -12.86 -7.94
CA ILE A 74 6.40 -11.78 -7.99
C ILE A 74 6.58 -10.78 -6.83
N VAL A 75 6.23 -9.53 -7.09
CA VAL A 75 6.31 -8.48 -6.07
C VAL A 75 4.92 -8.08 -5.57
N MET A 76 4.69 -8.27 -4.27
CA MET A 76 3.44 -7.85 -3.64
C MET A 76 3.72 -7.01 -2.41
N SER A 77 3.76 -5.70 -2.58
CA SER A 77 4.05 -4.79 -1.48
C SER A 77 3.45 -3.41 -1.68
N GLY A 78 2.18 -3.36 -2.05
CA GLY A 78 1.48 -2.10 -2.26
C GLY A 78 2.18 -1.20 -3.27
N MET A 79 2.74 -1.83 -4.29
CA MET A 79 3.56 -1.12 -5.28
C MET A 79 2.70 -0.28 -6.22
N THR A 80 3.10 0.97 -6.41
CA THR A 80 2.38 1.89 -7.28
C THR A 80 2.83 1.75 -8.73
N ILE A 81 1.87 1.53 -9.62
CA ILE A 81 2.16 1.40 -11.04
C ILE A 81 2.53 2.75 -11.64
N THR A 82 3.82 2.94 -11.93
CA THR A 82 4.31 4.18 -12.50
C THR A 82 4.94 3.93 -13.86
N PRO A 83 4.96 4.96 -14.73
CA PRO A 83 5.60 4.84 -16.05
C PRO A 83 7.08 4.44 -15.95
N GLU A 84 7.76 4.92 -14.92
CA GLU A 84 9.18 4.64 -14.74
C GLU A 84 9.42 3.17 -14.37
N ARG A 85 8.39 2.54 -13.81
CA ARG A 85 8.50 1.15 -13.37
C ARG A 85 8.02 0.18 -14.45
N LYS A 86 7.14 0.67 -15.33
CA LYS A 86 6.66 -0.15 -16.43
C LYS A 86 7.73 -0.27 -17.52
N LYS A 87 8.79 0.53 -17.39
CA LYS A 87 9.95 0.42 -18.27
C LYS A 87 10.79 -0.80 -17.88
N LYS A 88 10.73 -1.15 -16.60
CA LYS A 88 11.55 -2.22 -16.06
C LYS A 88 10.77 -3.52 -15.85
N VAL A 89 9.59 -3.42 -15.26
CA VAL A 89 8.78 -4.59 -14.98
C VAL A 89 7.32 -4.42 -15.43
N ASP A 90 6.66 -5.54 -15.69
CA ASP A 90 5.26 -5.54 -16.10
C ASP A 90 4.34 -5.63 -14.87
N PHE A 91 3.29 -4.83 -14.86
CA PHE A 91 2.36 -4.82 -13.74
C PHE A 91 1.07 -5.56 -14.08
N SER A 92 0.45 -6.12 -13.05
CA SER A 92 -0.86 -6.74 -13.21
C SER A 92 -1.93 -5.67 -13.09
N ASP A 93 -3.18 -6.04 -13.38
CA ASP A 93 -4.29 -5.11 -13.27
C ASP A 93 -4.47 -4.66 -11.82
N PRO A 94 -4.79 -3.38 -11.62
CA PRO A 94 -4.93 -2.77 -10.29
C PRO A 94 -5.80 -3.55 -9.33
N TYR A 95 -5.30 -3.76 -8.11
CA TYR A 95 -6.06 -4.46 -7.07
C TYR A 95 -6.42 -3.51 -5.94
N MET A 96 -5.83 -2.32 -5.96
CA MET A 96 -6.08 -1.32 -4.93
C MET A 96 -5.82 0.08 -5.45
N THR A 97 -6.60 1.05 -4.97
CA THR A 97 -6.44 2.44 -5.37
C THR A 97 -6.06 3.30 -4.17
N ALA A 98 -4.83 3.81 -4.18
CA ALA A 98 -4.34 4.64 -3.08
C ALA A 98 -4.37 6.12 -3.47
N GLY A 99 -5.26 6.87 -2.83
CA GLY A 99 -5.35 8.30 -3.04
C GLY A 99 -4.88 9.05 -1.81
N GLN A 100 -4.74 10.36 -1.92
CA GLN A 100 -4.29 11.18 -0.80
C GLN A 100 -5.42 11.45 0.17
N THR A 101 -5.16 11.16 1.44
CA THR A 101 -6.17 11.26 2.49
C THR A 101 -5.61 11.89 3.75
N ILE A 102 -6.38 12.77 4.38
CA ILE A 102 -5.97 13.42 5.61
C ILE A 102 -6.68 12.79 6.82
N LEU A 103 -5.91 12.54 7.86
CA LEU A 103 -6.44 12.02 9.12
C LEU A 103 -6.45 13.13 10.16
N VAL A 104 -7.60 13.33 10.79
CA VAL A 104 -7.73 14.36 11.82
C VAL A 104 -8.44 13.80 13.05
N LYS A 105 -8.46 14.58 14.13
CA LYS A 105 -9.16 14.16 15.34
C LYS A 105 -10.67 14.32 15.16
N LYS A 106 -11.44 13.51 15.89
CA LYS A 106 -12.90 13.54 15.78
C LYS A 106 -13.46 14.90 16.19
N ASP A 107 -12.79 15.54 17.14
CA ASP A 107 -13.18 16.87 17.61
C ASP A 107 -13.24 17.88 16.46
N ASN A 108 -12.38 17.68 15.46
CA ASN A 108 -12.34 18.56 14.31
C ASN A 108 -13.05 17.95 13.10
N ALA A 109 -14.06 17.12 13.35
CA ALA A 109 -14.84 16.54 12.27
C ALA A 109 -15.61 17.63 11.52
N ASP A 110 -16.00 18.67 12.25
CA ASP A 110 -16.71 19.79 11.65
C ASP A 110 -15.74 20.91 11.28
N LYS A 111 -16.25 21.91 10.57
CA LYS A 111 -15.48 23.08 10.15
C LYS A 111 -14.28 22.73 9.27
N ILE A 112 -14.30 21.53 8.69
CA ILE A 112 -13.24 21.09 7.79
C ILE A 112 -13.84 20.51 6.51
N LYS A 113 -13.61 21.19 5.39
CA LYS A 113 -14.16 20.77 4.11
C LYS A 113 -13.15 19.96 3.30
N SER A 114 -12.07 20.61 2.89
CA SER A 114 -11.07 19.97 2.04
C SER A 114 -9.65 20.40 2.39
N PHE A 115 -8.80 20.44 1.37
CA PHE A 115 -7.39 20.80 1.54
C PHE A 115 -7.21 22.24 2.00
N GLU A 116 -7.91 23.16 1.36
CA GLU A 116 -7.76 24.59 1.63
C GLU A 116 -8.14 24.97 3.06
N ASP A 117 -8.87 24.08 3.75
CA ASP A 117 -9.24 24.32 5.14
C ASP A 117 -8.05 24.14 6.07
N LEU A 118 -6.98 23.55 5.54
CA LEU A 118 -5.77 23.30 6.33
C LEU A 118 -4.59 24.07 5.77
N ASN A 119 -4.86 24.98 4.85
CA ASN A 119 -3.79 25.76 4.23
C ASN A 119 -3.48 27.03 5.01
N LYS A 120 -3.80 27.00 6.30
CA LYS A 120 -3.52 28.12 7.20
C LYS A 120 -2.14 27.93 7.84
N PRO A 121 -1.47 29.03 8.20
CA PRO A 121 -0.11 28.89 8.74
C PRO A 121 -0.07 28.54 10.22
N ASP A 122 -1.24 28.45 10.86
CA ASP A 122 -1.30 28.05 12.26
C ASP A 122 -1.62 26.57 12.38
N VAL A 123 -1.83 25.92 11.23
CA VAL A 123 -2.18 24.52 11.19
C VAL A 123 -0.92 23.64 11.15
N LYS A 124 -0.88 22.63 12.00
CA LYS A 124 0.25 21.71 12.05
C LYS A 124 -0.14 20.34 11.48
N VAL A 125 0.53 19.93 10.40
CA VAL A 125 0.28 18.63 9.79
C VAL A 125 1.54 17.77 9.80
N ALA A 126 1.35 16.46 9.90
CA ALA A 126 2.47 15.53 9.93
C ALA A 126 2.43 14.55 8.76
N VAL A 127 3.61 14.23 8.24
CA VAL A 127 3.72 13.30 7.12
C VAL A 127 4.90 12.34 7.31
N GLN A 128 4.88 11.23 6.60
CA GLN A 128 6.02 10.32 6.60
C GLN A 128 7.04 10.79 5.57
N LEU A 129 8.31 10.83 5.99
CA LEU A 129 9.38 11.35 5.15
C LEU A 129 9.60 10.48 3.91
N GLY A 130 9.69 11.12 2.75
CA GLY A 130 10.00 10.44 1.51
C GLY A 130 8.80 9.88 0.77
N THR A 131 7.63 9.97 1.38
CA THR A 131 6.41 9.44 0.77
C THR A 131 5.77 10.47 -0.16
N THR A 132 4.83 10.00 -0.98
CA THR A 132 4.09 10.88 -1.87
C THR A 132 3.16 11.79 -1.07
N SER A 133 2.83 11.35 0.14
CA SER A 133 2.02 12.14 1.06
C SER A 133 2.72 13.43 1.44
N GLU A 134 4.05 13.36 1.55
CA GLU A 134 4.84 14.55 1.81
C GLU A 134 4.75 15.52 0.64
N GLN A 135 4.80 14.99 -0.56
CA GLN A 135 4.69 15.80 -1.78
C GLN A 135 3.34 16.49 -1.85
N ALA A 136 2.28 15.73 -1.56
CA ALA A 136 0.93 16.27 -1.56
C ALA A 136 0.79 17.35 -0.50
N ALA A 137 1.38 17.11 0.66
CA ALA A 137 1.37 18.08 1.75
C ALA A 137 2.15 19.33 1.38
N LYS A 138 3.12 19.18 0.48
CA LYS A 138 3.90 20.31 0.02
C LYS A 138 3.13 21.16 -0.99
N GLU A 139 2.59 20.51 -2.02
CA GLU A 139 1.95 21.22 -3.12
C GLU A 139 0.54 21.71 -2.78
N PHE A 140 -0.10 21.09 -1.80
CA PHE A 140 -1.47 21.45 -1.45
C PHE A 140 -1.58 22.12 -0.09
N LEU A 141 -0.57 21.95 0.76
CA LEU A 141 -0.54 22.61 2.06
C LEU A 141 0.81 23.29 2.33
N PRO A 142 1.15 24.31 1.54
CA PRO A 142 2.47 24.94 1.67
C PRO A 142 2.56 25.91 2.86
N LYS A 143 1.47 26.61 3.15
CA LYS A 143 1.49 27.65 4.17
C LYS A 143 1.56 27.07 5.59
N ALA A 144 1.09 25.85 5.76
CA ALA A 144 1.06 25.20 7.07
C ALA A 144 2.41 24.61 7.43
N LYS A 145 2.65 24.45 8.73
CA LYS A 145 3.88 23.82 9.21
C LYS A 145 3.89 22.33 8.87
N ILE A 146 5.01 21.87 8.32
CA ILE A 146 5.14 20.47 7.93
C ILE A 146 6.10 19.73 8.84
N ARG A 147 5.62 18.67 9.50
CA ARG A 147 6.45 17.87 10.39
C ARG A 147 6.67 16.48 9.80
N THR A 148 7.93 16.16 9.53
CA THR A 148 8.28 14.87 8.94
C THR A 148 8.75 13.86 9.98
N PHE A 149 8.38 12.60 9.79
CA PHE A 149 8.76 11.55 10.73
C PHE A 149 9.19 10.28 10.01
N GLU A 150 9.78 9.36 10.75
CA GLU A 150 10.29 8.11 10.19
C GLU A 150 9.17 7.24 9.62
N ASN A 151 8.15 7.01 10.43
CA ASN A 151 7.01 6.21 10.01
C ASN A 151 5.69 6.95 10.24
N ASN A 152 4.59 6.30 9.87
CA ASN A 152 3.27 6.91 10.00
C ASN A 152 2.71 6.77 11.41
N ALA A 153 3.27 5.85 12.18
CA ALA A 153 2.83 5.64 13.56
C ALA A 153 3.22 6.80 14.45
N GLU A 154 4.40 7.38 14.18
CA GLU A 154 4.89 8.51 14.95
C GLU A 154 4.07 9.77 14.64
N ALA A 155 3.75 9.94 13.36
CA ALA A 155 2.91 11.05 12.92
C ALA A 155 1.51 10.90 13.51
N PHE A 156 1.03 9.66 13.53
CA PHE A 156 -0.27 9.35 14.13
C PHE A 156 -0.26 9.68 15.62
N GLN A 157 0.85 9.39 16.28
CA GLN A 157 0.99 9.73 17.69
C GLN A 157 0.98 11.24 17.87
N GLU A 158 1.60 11.95 16.91
CA GLU A 158 1.66 13.40 16.96
C GLU A 158 0.30 14.06 16.75
N VAL A 159 -0.54 13.45 15.93
CA VAL A 159 -1.86 14.02 15.66
C VAL A 159 -2.86 13.58 16.75
N VAL A 160 -2.58 12.45 17.39
CA VAL A 160 -3.43 11.98 18.48
C VAL A 160 -3.17 12.76 19.77
N SER A 161 -1.89 12.93 20.10
CA SER A 161 -1.50 13.66 21.30
C SER A 161 -1.96 15.12 21.26
N GLY A 162 -1.73 15.76 20.12
CA GLY A 162 -2.15 17.14 19.93
C GLY A 162 -1.08 18.04 19.35
N ARG A 163 0.10 17.48 19.12
CA ARG A 163 1.22 18.24 18.57
C ARG A 163 1.05 18.49 17.08
N ALA A 164 0.02 17.90 16.49
CA ALA A 164 -0.28 18.09 15.07
C ALA A 164 -1.78 18.15 14.84
N ASP A 165 -2.22 19.19 14.14
CA ASP A 165 -3.65 19.37 13.84
C ASP A 165 -4.15 18.26 12.93
N ALA A 166 -3.28 17.78 12.05
CA ALA A 166 -3.68 16.75 11.10
C ALA A 166 -2.47 15.92 10.64
N MET A 167 -2.74 14.89 9.84
CA MET A 167 -1.65 14.17 9.17
C MET A 167 -2.07 13.79 7.75
N VAL A 168 -1.11 13.77 6.84
CA VAL A 168 -1.40 13.43 5.45
C VAL A 168 -0.78 12.10 5.08
N THR A 169 -1.60 11.18 4.59
CA THR A 169 -1.11 9.85 4.23
C THR A 169 -1.95 9.23 3.10
N ASP A 170 -1.61 8.01 2.71
CA ASP A 170 -2.36 7.31 1.68
C ASP A 170 -3.70 6.84 2.23
N SER A 171 -4.67 6.68 1.34
CA SER A 171 -6.01 6.25 1.74
C SER A 171 -6.06 4.87 2.43
N PRO A 172 -5.30 3.87 1.94
CA PRO A 172 -5.34 2.60 2.67
C PRO A 172 -4.76 2.71 4.08
N VAL A 173 -3.70 3.48 4.23
CA VAL A 173 -3.06 3.70 5.51
C VAL A 173 -4.00 4.40 6.48
N ALA A 174 -4.59 5.50 6.02
CA ALA A 174 -5.55 6.26 6.82
C ALA A 174 -6.74 5.41 7.21
N ALA A 175 -7.18 4.55 6.29
CA ALA A 175 -8.28 3.64 6.57
C ALA A 175 -7.88 2.61 7.61
N TYR A 176 -6.62 2.21 7.59
CA TYR A 176 -6.11 1.23 8.53
C TYR A 176 -6.01 1.78 9.95
N TYR A 177 -5.49 3.00 10.06
CA TYR A 177 -5.28 3.62 11.37
C TYR A 177 -6.61 3.94 12.08
N ALA A 178 -7.71 3.86 11.34
CA ALA A 178 -9.03 4.03 11.93
C ALA A 178 -9.38 2.82 12.78
N LYS A 179 -8.82 2.78 13.99
CA LYS A 179 -9.04 1.67 14.90
C LYS A 179 -8.89 2.10 16.36
N LEU A 184 -12.03 2.73 16.63
CA LEU A 184 -12.08 4.06 16.02
C LEU A 184 -11.95 5.16 17.07
N ALA A 185 -11.21 6.21 16.73
CA ALA A 185 -11.01 7.34 17.63
C ALA A 185 -10.89 8.62 16.82
N VAL A 186 -10.01 8.61 15.83
CA VAL A 186 -9.87 9.74 14.91
C VAL A 186 -10.86 9.62 13.76
N VAL A 187 -10.64 10.41 12.71
CA VAL A 187 -11.56 10.42 11.58
C VAL A 187 -10.86 10.77 10.26
N VAL A 188 -11.50 10.36 9.16
CA VAL A 188 -10.92 10.37 7.82
C VAL A 188 -11.55 11.42 6.91
N VAL A 189 -10.72 12.17 6.19
CA VAL A 189 -11.24 13.04 5.13
C VAL A 189 -10.45 12.84 3.84
N ASP A 190 -11.16 12.47 2.77
CA ASP A 190 -10.53 12.20 1.48
C ASP A 190 -10.45 13.45 0.61
N GLU A 191 -9.39 13.54 -0.19
CA GLU A 191 -9.18 14.70 -1.05
C GLU A 191 -9.51 14.39 -2.51
N PRO A 192 -10.39 15.21 -3.12
CA PRO A 192 -10.82 15.03 -4.51
C PRO A 192 -9.92 15.70 -5.54
N PHE A 193 -9.15 14.90 -6.28
CA PHE A 193 -8.30 15.41 -7.36
C PHE A 193 -7.89 14.26 -8.28
N THR A 194 -7.00 13.41 -7.79
CA THR A 194 -6.59 12.21 -8.52
C THR A 194 -6.02 11.17 -7.57
N HIS A 195 -5.94 9.92 -8.03
CA HIS A 195 -5.48 8.81 -7.20
C HIS A 195 -4.37 8.01 -7.89
N GLU A 196 -3.85 7.01 -7.19
CA GLU A 196 -2.76 6.19 -7.71
C GLU A 196 -3.14 4.70 -7.76
N PRO A 197 -2.75 4.01 -8.83
CA PRO A 197 -3.03 2.59 -8.99
C PRO A 197 -2.01 1.69 -8.30
N LEU A 198 -2.45 0.57 -7.76
CA LEU A 198 -1.57 -0.40 -7.13
C LEU A 198 -1.69 -1.76 -7.80
N GLY A 199 -0.57 -2.29 -8.28
CA GLY A 199 -0.57 -3.58 -8.96
C GLY A 199 0.60 -4.44 -8.56
N PHE A 200 0.51 -5.73 -8.86
CA PHE A 200 1.59 -6.67 -8.59
C PHE A 200 2.61 -6.59 -9.72
N ALA A 201 3.87 -6.94 -9.42
CA ALA A 201 4.94 -6.80 -10.40
C ALA A 201 5.63 -8.12 -10.71
N ILE A 202 5.76 -8.42 -11.99
CA ILE A 202 6.53 -9.59 -12.45
C ILE A 202 7.55 -9.16 -13.50
N ARG A 203 8.32 -10.12 -14.00
CA ARG A 203 9.37 -9.81 -14.97
C ARG A 203 8.83 -9.58 -16.38
N LYS A 204 9.68 -9.08 -17.25
CA LYS A 204 9.31 -8.83 -18.64
C LYS A 204 9.22 -10.12 -19.44
N GLY A 205 8.28 -10.17 -20.38
CA GLY A 205 8.14 -11.30 -21.26
C GLY A 205 7.66 -12.56 -20.57
N ASP A 206 6.52 -12.47 -19.89
CA ASP A 206 5.93 -13.62 -19.23
C ASP A 206 4.41 -13.46 -19.15
N PRO A 207 3.72 -13.66 -20.28
CA PRO A 207 2.28 -13.47 -20.36
C PRO A 207 1.49 -14.54 -19.62
N GLU A 208 2.09 -15.71 -19.41
CA GLU A 208 1.41 -16.80 -18.73
C GLU A 208 1.12 -16.45 -17.27
N LEU A 209 2.17 -16.13 -16.53
CA LEU A 209 2.04 -15.76 -15.13
C LEU A 209 1.20 -14.49 -14.98
N LEU A 210 1.42 -13.54 -15.88
CA LEU A 210 0.69 -12.28 -15.87
C LEU A 210 -0.81 -12.50 -16.00
N ASN A 211 -1.21 -13.23 -17.04
CA ASN A 211 -2.62 -13.50 -17.29
C ASN A 211 -3.23 -14.44 -16.25
N TRP A 212 -2.39 -15.26 -15.63
CA TRP A 212 -2.86 -16.12 -14.54
C TRP A 212 -3.22 -15.24 -13.35
N VAL A 213 -2.32 -14.30 -13.02
CA VAL A 213 -2.56 -13.36 -11.94
C VAL A 213 -3.81 -12.52 -12.21
N ASN A 214 -3.93 -12.04 -13.44
CA ASN A 214 -5.07 -11.22 -13.83
C ASN A 214 -6.39 -11.99 -13.78
N ASN A 215 -6.38 -13.24 -14.22
CA ASN A 215 -7.58 -14.07 -14.17
C ASN A 215 -7.96 -14.43 -12.75
N TRP A 216 -6.95 -14.67 -11.92
CA TRP A 216 -7.16 -15.00 -10.51
C TRP A 216 -7.73 -13.81 -9.75
N LEU A 217 -7.22 -12.62 -10.06
CA LEU A 217 -7.71 -11.40 -9.44
C LEU A 217 -9.13 -11.09 -9.92
N LYS A 218 -9.36 -11.29 -11.21
CA LYS A 218 -10.69 -11.10 -11.80
C LYS A 218 -11.70 -12.02 -11.14
N GLN A 219 -11.31 -13.26 -10.93
CA GLN A 219 -12.17 -14.26 -10.29
C GLN A 219 -12.40 -13.94 -8.83
N MET A 220 -11.37 -13.46 -8.15
CA MET A 220 -11.48 -13.12 -6.74
C MET A 220 -12.32 -11.86 -6.53
N LYS A 221 -12.41 -11.04 -7.57
CA LYS A 221 -13.30 -9.89 -7.53
C LYS A 221 -14.70 -10.29 -8.01
N LYS A 222 -14.79 -11.43 -8.68
CA LYS A 222 -16.04 -11.91 -9.25
C LYS A 222 -16.86 -12.69 -8.21
N ASP A 223 -16.18 -13.47 -7.38
CA ASP A 223 -16.86 -14.29 -6.38
C ASP A 223 -17.10 -13.50 -5.09
N GLY A 224 -16.28 -12.46 -4.87
CA GLY A 224 -16.48 -11.58 -3.73
C GLY A 224 -15.46 -11.74 -2.62
N THR A 225 -14.49 -12.63 -2.81
CA THR A 225 -13.46 -12.86 -1.80
C THR A 225 -12.60 -11.62 -1.61
N TYR A 226 -12.31 -10.94 -2.72
CA TYR A 226 -11.51 -9.71 -2.68
C TYR A 226 -12.19 -8.64 -1.86
N ASP A 227 -13.51 -8.54 -1.97
CA ASP A 227 -14.26 -7.55 -1.21
C ASP A 227 -14.25 -7.86 0.28
N LYS A 228 -14.27 -9.15 0.60
CA LYS A 228 -14.17 -9.61 1.98
C LYS A 228 -12.82 -9.22 2.57
N LEU A 229 -11.77 -9.54 1.83
CA LEU A 229 -10.41 -9.25 2.26
C LEU A 229 -10.14 -7.74 2.29
N TYR A 230 -10.90 -6.99 1.51
CA TYR A 230 -10.77 -5.55 1.44
C TYR A 230 -11.44 -4.90 2.65
N GLU A 231 -12.66 -5.34 2.94
CA GLU A 231 -13.41 -4.82 4.07
C GLU A 231 -12.80 -5.27 5.39
N LYS A 232 -12.02 -6.34 5.34
CA LYS A 232 -11.31 -6.83 6.53
C LYS A 232 -10.22 -5.86 6.97
N TRP A 233 -9.50 -5.30 6.00
CA TRP A 233 -8.32 -4.48 6.31
C TRP A 233 -8.58 -2.98 6.28
N PHE A 234 -9.47 -2.54 5.39
CA PHE A 234 -9.68 -1.12 5.18
C PHE A 234 -11.05 -0.65 5.66
N LYS A 235 -11.67 -1.44 6.53
CA LYS A 235 -12.98 -1.13 7.11
C LYS A 235 -14.03 -0.84 6.02
#